data_6HHZ
#
_entry.id   6HHZ
#
_cell.length_a   83.351
_cell.length_b   83.351
_cell.length_c   229.329
_cell.angle_alpha   90.000
_cell.angle_beta   90.000
_cell.angle_gamma   90.000
#
_symmetry.space_group_name_H-M   'P 43 21 2'
#
loop_
_entity.id
_entity.type
_entity.pdbx_description
1 polymer 'Serine--tRNA ligase'
2 non-polymer 1,2-ETHANEDIOL
3 non-polymer "5'-O-(N-(L-seryl)-sulfamoyl)cytidine"
4 non-polymer 'CALCIUM ION'
5 non-polymer 'CHLORIDE ION'
6 non-polymer 'PENTAETHYLENE GLYCOL'
7 water water
#
_entity_poly.entity_id   1
_entity_poly.type   'polypeptide(L)'
_entity_poly.pdbx_seq_one_letter_code
;MLDPNLLRTEPDAVAEKLARRGFKLDVDKLRALEERRKVLQVQTENLQAERNSRSKSIGQAKARGEDIEPLRLEVNKLGE
QLDAAKSELETLLAEIRDIALAIPNIPHDDVPVGRDENDNVEVSRWGTPRQFDFEVRDHVTLGEMHGGLDFAAAVKLTGS
RFVVMKGQLARLHRALAQFMLDLHTEQHGYSENYVPYLVNQDTLYGTGQLPKFAGDLFHTRPLEEEADSSNYALIPTAEV
PLTNLVRDEIIDEDDLPIKMTAHTPCFRSEAGSYGRDTRGLIRMHQFDKVEMVQIVRPEDSMAALEEMTGHAEKVLQLLG
LPYRKVALCTGDMGFSACKTYDLEVWVPAQNTYREISSCSNVWDFQARRMQARCRSKSDKKTRLVHTLNGSGLAVGRTLV
ALMENYQQADGRIEIPEVLRPYMRGLEYIG
;
_entity_poly.pdbx_strand_id   A
#
# COMPACT_ATOMS: atom_id res chain seq x y z
N MET A 1 -4.81 10.93 -3.14
CA MET A 1 -5.49 12.18 -3.40
C MET A 1 -4.83 12.96 -4.53
N LEU A 2 -5.65 13.38 -5.52
CA LEU A 2 -5.20 14.21 -6.65
C LEU A 2 -5.13 15.66 -6.19
N ASP A 3 -4.39 16.49 -6.92
CA ASP A 3 -4.25 17.91 -6.62
C ASP A 3 -5.63 18.58 -6.82
N PRO A 4 -6.26 19.16 -5.75
CA PRO A 4 -7.57 19.81 -5.90
C PRO A 4 -7.63 20.92 -6.96
N ASN A 5 -6.50 21.59 -7.21
CA ASN A 5 -6.40 22.67 -8.19
C ASN A 5 -6.33 22.11 -9.61
N LEU A 6 -5.91 20.84 -9.76
CA LEU A 6 -5.84 20.16 -11.06
C LEU A 6 -7.25 19.71 -11.48
N LEU A 7 -8.10 19.37 -10.49
CA LEU A 7 -9.51 18.99 -10.71
C LEU A 7 -10.34 20.23 -11.04
N ARG A 8 -9.95 21.41 -10.51
CA ARG A 8 -10.62 22.69 -10.76
C ARG A 8 -10.25 23.33 -12.09
N THR A 9 -9.00 23.18 -12.56
CA THR A 9 -8.49 23.85 -13.77
C THR A 9 -8.42 22.97 -15.03
N GLU A 10 -8.32 21.63 -14.88
CA GLU A 10 -8.27 20.69 -16.02
C GLU A 10 -9.18 19.46 -15.72
N PRO A 11 -10.48 19.61 -15.34
CA PRO A 11 -11.29 18.40 -15.02
C PRO A 11 -11.48 17.40 -16.15
N ASP A 12 -11.63 17.88 -17.39
CA ASP A 12 -11.83 17.03 -18.57
C ASP A 12 -10.56 16.26 -18.95
N ALA A 13 -9.36 16.89 -18.79
CA ALA A 13 -8.08 16.24 -19.07
C ALA A 13 -7.77 15.19 -17.99
N VAL A 14 -8.18 15.45 -16.72
CA VAL A 14 -8.03 14.53 -15.59
C VAL A 14 -8.96 13.32 -15.86
N ALA A 15 -10.25 13.59 -16.16
CA ALA A 15 -11.27 12.57 -16.46
C ALA A 15 -10.85 11.65 -17.61
N GLU A 16 -10.19 12.22 -18.65
CA GLU A 16 -9.67 11.51 -19.83
C GLU A 16 -8.56 10.52 -19.45
N LYS A 17 -7.59 10.96 -18.62
CA LYS A 17 -6.48 10.14 -18.13
C LYS A 17 -6.98 8.99 -17.23
N LEU A 18 -8.00 9.27 -16.37
CA LEU A 18 -8.61 8.28 -15.49
C LEU A 18 -9.44 7.26 -16.28
N ALA A 19 -10.05 7.68 -17.42
CA ALA A 19 -10.84 6.82 -18.32
C ALA A 19 -10.01 5.64 -18.86
N ARG A 20 -8.67 5.82 -18.99
CA ARG A 20 -7.71 4.78 -19.41
C ARG A 20 -7.65 3.65 -18.36
N ARG A 21 -7.85 3.99 -17.07
CA ARG A 21 -7.88 3.02 -15.96
C ARG A 21 -9.26 2.36 -15.85
N GLY A 22 -10.21 2.83 -16.65
CA GLY A 22 -11.59 2.35 -16.61
C GLY A 22 -12.38 3.05 -15.51
N PHE A 23 -11.86 4.18 -15.00
CA PHE A 23 -12.52 4.96 -13.96
C PHE A 23 -13.25 6.16 -14.59
N LYS A 24 -14.54 6.29 -14.26
CA LYS A 24 -15.39 7.35 -14.77
C LYS A 24 -15.57 8.42 -13.69
N LEU A 25 -14.89 9.57 -13.87
CA LEU A 25 -14.97 10.67 -12.93
C LEU A 25 -16.28 11.44 -13.18
N ASP A 26 -17.14 11.52 -12.14
CA ASP A 26 -18.41 12.21 -12.22
C ASP A 26 -18.21 13.74 -12.02
N VAL A 27 -17.70 14.40 -13.09
CA VAL A 27 -17.38 15.83 -13.14
C VAL A 27 -18.60 16.72 -12.75
N ASP A 28 -19.79 16.39 -13.29
CA ASP A 28 -21.04 17.11 -13.06
C ASP A 28 -21.51 17.15 -11.60
N LYS A 29 -21.48 15.99 -10.92
CA LYS A 29 -21.86 15.87 -9.50
C LYS A 29 -20.86 16.66 -8.63
N LEU A 30 -19.58 16.48 -8.89
CA LEU A 30 -18.49 17.14 -8.19
C LEU A 30 -18.54 18.69 -8.35
N ARG A 31 -18.90 19.17 -9.57
CA ARG A 31 -19.04 20.59 -9.89
C ARG A 31 -20.27 21.18 -9.19
N ALA A 32 -21.40 20.43 -9.15
CA ALA A 32 -22.65 20.87 -8.52
C ALA A 32 -22.47 20.99 -6.99
N LEU A 33 -21.78 20.02 -6.35
CA LEU A 33 -21.53 20.05 -4.90
C LEU A 33 -20.60 21.23 -4.51
N GLU A 34 -19.56 21.48 -5.34
CA GLU A 34 -18.56 22.52 -5.17
C GLU A 34 -19.16 23.93 -5.34
N GLU A 35 -20.13 24.10 -6.25
CA GLU A 35 -20.82 25.39 -6.44
C GLU A 35 -21.70 25.68 -5.21
N ARG A 36 -22.32 24.63 -4.64
CA ARG A 36 -23.14 24.75 -3.43
C ARG A 36 -22.25 25.02 -2.21
N ARG A 37 -21.09 24.33 -2.12
CA ARG A 37 -20.11 24.51 -1.07
C ARG A 37 -19.66 25.98 -0.95
N LYS A 38 -19.41 26.65 -2.10
CA LYS A 38 -19.00 28.07 -2.15
C LYS A 38 -20.07 29.01 -1.56
N VAL A 39 -21.37 28.74 -1.85
CA VAL A 39 -22.53 29.49 -1.33
C VAL A 39 -22.58 29.35 0.20
N LEU A 40 -22.45 28.12 0.71
CA LEU A 40 -22.48 27.83 2.15
C LEU A 40 -21.25 28.34 2.87
N GLN A 41 -20.08 28.30 2.22
CA GLN A 41 -18.81 28.83 2.75
C GLN A 41 -18.92 30.35 2.99
N VAL A 42 -19.50 31.09 2.01
CA VAL A 42 -19.70 32.54 2.15
C VAL A 42 -20.70 32.82 3.30
N GLN A 43 -21.86 32.12 3.31
CA GLN A 43 -22.89 32.25 4.34
C GLN A 43 -22.32 32.02 5.75
N THR A 44 -21.58 30.92 5.94
CA THR A 44 -20.95 30.51 7.20
C THR A 44 -19.89 31.52 7.69
N GLU A 45 -18.94 31.92 6.82
CA GLU A 45 -17.88 32.89 7.14
C GLU A 45 -18.43 34.27 7.46
N ASN A 46 -19.60 34.64 6.88
CA ASN A 46 -20.29 35.89 7.22
C ASN A 46 -20.84 35.80 8.65
N LEU A 47 -21.45 34.64 9.00
CA LEU A 47 -22.00 34.34 10.33
C LEU A 47 -20.90 34.32 11.38
N GLN A 48 -19.72 33.76 11.02
CA GLN A 48 -18.53 33.68 11.85
C GLN A 48 -18.06 35.11 12.17
N ALA A 49 -17.94 35.98 11.14
CA ALA A 49 -17.53 37.37 11.32
C ALA A 49 -18.49 38.15 12.20
N GLU A 50 -19.81 38.03 11.97
CA GLU A 50 -20.79 38.77 12.78
C GLU A 50 -20.85 38.30 14.23
N ARG A 51 -20.67 36.99 14.49
CA ARG A 51 -20.65 36.45 15.86
C ARG A 51 -19.40 36.98 16.60
N ASN A 52 -18.20 36.91 15.96
CA ASN A 52 -16.94 37.43 16.51
C ASN A 52 -17.06 38.93 16.85
N SER A 53 -17.76 39.69 15.99
CA SER A 53 -17.99 41.12 16.16
C SER A 53 -18.91 41.43 17.35
N ARG A 54 -20.07 40.73 17.46
CA ARG A 54 -21.04 40.97 18.53
C ARG A 54 -20.53 40.51 19.89
N SER A 55 -19.63 39.50 19.90
CA SER A 55 -18.95 38.98 21.08
C SER A 55 -17.97 40.05 21.59
N LYS A 56 -17.30 40.78 20.67
CA LYS A 56 -16.38 41.88 21.00
C LYS A 56 -17.15 43.09 21.54
N SER A 57 -18.38 43.33 21.02
CA SER A 57 -19.28 44.41 21.47
C SER A 57 -19.80 44.16 22.89
N ILE A 58 -19.84 42.89 23.34
CA ILE A 58 -20.25 42.51 24.70
C ILE A 58 -19.12 42.89 25.67
N GLY A 59 -17.88 42.48 25.36
CA GLY A 59 -16.68 42.79 26.14
C GLY A 59 -16.44 44.28 26.33
N GLN A 60 -16.91 45.10 25.36
CA GLN A 60 -16.83 46.55 25.40
C GLN A 60 -17.83 47.11 26.40
N ALA A 61 -19.11 46.72 26.27
CA ALA A 61 -20.22 47.16 27.13
C ALA A 61 -20.13 46.61 28.57
N LYS A 62 -19.49 45.44 28.77
CA LYS A 62 -19.31 44.80 30.07
C LYS A 62 -18.39 45.63 30.96
N ALA A 63 -17.35 46.24 30.36
CA ALA A 63 -16.39 47.11 31.04
C ALA A 63 -16.81 48.60 30.94
N ARG A 64 -17.97 48.88 30.29
CA ARG A 64 -18.55 50.20 30.09
C ARG A 64 -19.99 50.22 30.61
N ASP A 67 -25.88 47.46 30.36
CA ASP A 67 -26.64 46.20 30.35
C ASP A 67 -26.25 45.35 29.14
N ILE A 68 -25.71 44.14 29.40
CA ILE A 68 -25.27 43.21 28.35
C ILE A 68 -26.32 42.12 28.06
N GLU A 69 -27.56 42.26 28.59
CA GLU A 69 -28.65 41.30 28.38
C GLU A 69 -29.21 41.31 26.93
N PRO A 70 -29.57 42.45 26.28
CA PRO A 70 -30.07 42.37 24.90
C PRO A 70 -29.00 41.87 23.90
N LEU A 71 -27.71 42.11 24.22
CA LEU A 71 -26.56 41.69 23.42
C LEU A 71 -26.24 40.21 23.60
N ARG A 72 -26.37 39.65 24.83
CA ARG A 72 -26.10 38.24 25.15
C ARG A 72 -27.05 37.31 24.39
N LEU A 73 -28.33 37.71 24.30
CA LEU A 73 -29.40 37.00 23.58
C LEU A 73 -29.09 36.94 22.08
N GLU A 74 -28.54 38.04 21.52
CA GLU A 74 -28.15 38.17 20.10
C GLU A 74 -26.98 37.24 19.74
N VAL A 75 -25.92 37.22 20.60
CA VAL A 75 -24.72 36.38 20.43
C VAL A 75 -25.07 34.88 20.58
N ASN A 76 -26.04 34.55 21.45
CA ASN A 76 -26.52 33.18 21.68
C ASN A 76 -27.28 32.65 20.44
N LYS A 77 -28.18 33.50 19.86
CA LYS A 77 -28.95 33.20 18.66
C LYS A 77 -28.02 33.04 17.45
N LEU A 78 -27.03 33.96 17.29
CA LEU A 78 -26.01 33.94 16.23
C LEU A 78 -25.15 32.67 16.31
N GLY A 79 -24.83 32.25 17.53
CA GLY A 79 -24.05 31.05 17.82
C GLY A 79 -24.77 29.76 17.48
N GLU A 80 -26.13 29.79 17.62
CA GLU A 80 -27.04 28.69 17.30
C GLU A 80 -27.06 28.49 15.78
N GLN A 81 -27.30 29.60 15.04
CA GLN A 81 -27.35 29.69 13.58
C GLN A 81 -26.01 29.29 12.94
N LEU A 82 -24.87 29.73 13.54
CA LEU A 82 -23.52 29.44 13.07
C LEU A 82 -23.20 27.95 13.18
N ASP A 83 -23.45 27.33 14.35
CA ASP A 83 -23.21 25.91 14.60
C ASP A 83 -24.02 25.05 13.61
N ALA A 84 -25.28 25.43 13.35
CA ALA A 84 -26.18 24.81 12.38
C ALA A 84 -25.59 24.95 10.95
N ALA A 85 -25.13 26.18 10.56
CA ALA A 85 -24.52 26.44 9.25
C ALA A 85 -23.22 25.66 9.06
N LYS A 86 -22.38 25.60 10.11
CA LYS A 86 -21.10 24.88 10.10
C LYS A 86 -21.33 23.38 9.94
N SER A 87 -22.38 22.86 10.59
CA SER A 87 -22.70 21.43 10.57
C SER A 87 -23.20 21.05 9.19
N GLU A 88 -24.04 21.91 8.58
CA GLU A 88 -24.53 21.71 7.22
C GLU A 88 -23.35 21.74 6.21
N LEU A 89 -22.44 22.75 6.31
CA LEU A 89 -21.25 22.85 5.46
C LEU A 89 -20.30 21.64 5.62
N GLU A 90 -20.08 21.19 6.86
CA GLU A 90 -19.23 20.04 7.18
C GLU A 90 -19.73 18.73 6.55
N THR A 91 -21.07 18.55 6.48
CA THR A 91 -21.72 17.38 5.85
C THR A 91 -21.48 17.42 4.34
N LEU A 92 -21.59 18.61 3.73
CA LEU A 92 -21.34 18.80 2.30
C LEU A 92 -19.86 18.54 1.99
N LEU A 93 -18.93 19.02 2.83
CA LEU A 93 -17.48 18.78 2.69
C LEU A 93 -17.15 17.29 2.76
N ALA A 94 -17.84 16.53 3.65
CA ALA A 94 -17.70 15.09 3.79
C ALA A 94 -18.11 14.37 2.48
N GLU A 95 -19.21 14.81 1.81
CA GLU A 95 -19.67 14.25 0.52
C GLU A 95 -18.63 14.47 -0.60
N ILE A 96 -18.03 15.69 -0.68
CA ILE A 96 -17.01 16.06 -1.67
C ILE A 96 -15.77 15.16 -1.47
N ARG A 97 -15.34 14.99 -0.20
CA ARG A 97 -14.23 14.11 0.22
C ARG A 97 -14.46 12.64 -0.10
N ASP A 98 -15.70 12.11 0.10
CA ASP A 98 -16.06 10.73 -0.27
C ASP A 98 -15.80 10.50 -1.77
N ILE A 99 -16.02 11.53 -2.61
CA ILE A 99 -15.78 11.43 -4.05
C ILE A 99 -14.26 11.55 -4.32
N ALA A 100 -13.63 12.66 -3.85
CA ALA A 100 -12.21 12.97 -4.07
C ALA A 100 -11.25 11.88 -3.60
N LEU A 101 -11.51 11.30 -2.43
CA LEU A 101 -10.68 10.25 -1.82
C LEU A 101 -10.92 8.85 -2.42
N ALA A 102 -11.89 8.73 -3.34
CA ALA A 102 -12.18 7.46 -4.03
C ALA A 102 -11.63 7.51 -5.46
N ILE A 103 -10.92 8.62 -5.82
CA ILE A 103 -10.34 8.76 -7.16
C ILE A 103 -8.95 8.08 -7.20
N PRO A 104 -8.71 7.12 -8.13
CA PRO A 104 -7.37 6.50 -8.19
C PRO A 104 -6.33 7.45 -8.78
N ASN A 105 -5.05 7.07 -8.65
CA ASN A 105 -3.97 7.88 -9.17
C ASN A 105 -4.00 8.02 -10.70
N ILE A 106 -3.59 9.20 -11.21
CA ILE A 106 -3.50 9.47 -12.65
C ILE A 106 -2.33 8.62 -13.18
N PRO A 107 -2.56 7.74 -14.18
CA PRO A 107 -1.45 6.91 -14.68
C PRO A 107 -0.41 7.77 -15.41
N HIS A 108 0.87 7.40 -15.29
CA HIS A 108 1.95 8.13 -15.97
C HIS A 108 1.90 7.78 -17.47
N ASP A 109 2.44 8.68 -18.33
CA ASP A 109 2.46 8.46 -19.80
C ASP A 109 3.28 7.24 -20.24
N ASP A 110 4.16 6.72 -19.36
CA ASP A 110 4.98 5.53 -19.61
C ASP A 110 4.14 4.24 -19.59
N VAL A 111 2.98 4.29 -18.92
CA VAL A 111 2.06 3.17 -18.73
C VAL A 111 1.27 2.85 -20.02
N PRO A 112 1.36 1.59 -20.54
CA PRO A 112 0.57 1.23 -21.73
C PRO A 112 -0.93 1.14 -21.41
N VAL A 113 -1.79 1.57 -22.34
CA VAL A 113 -3.24 1.54 -22.16
C VAL A 113 -3.75 0.09 -22.35
N GLY A 114 -4.60 -0.34 -21.43
CA GLY A 114 -5.18 -1.68 -21.44
C GLY A 114 -6.32 -1.79 -20.46
N ARG A 115 -7.17 -2.82 -20.65
CA ARG A 115 -8.36 -3.07 -19.83
C ARG A 115 -8.11 -3.93 -18.60
N ASP A 116 -7.23 -4.95 -18.73
CA ASP A 116 -6.90 -5.90 -17.65
C ASP A 116 -5.48 -6.49 -17.79
N GLU A 117 -5.17 -7.51 -16.96
CA GLU A 117 -3.88 -8.20 -16.90
C GLU A 117 -3.44 -8.85 -18.24
N ASN A 118 -4.39 -9.14 -19.14
CA ASN A 118 -4.06 -9.72 -20.44
C ASN A 118 -3.46 -8.70 -21.40
N ASP A 119 -3.55 -7.41 -21.04
CA ASP A 119 -3.04 -6.28 -21.81
C ASP A 119 -1.69 -5.74 -21.28
N ASN A 120 -1.12 -6.41 -20.24
CA ASN A 120 0.16 -6.09 -19.62
C ASN A 120 1.28 -6.41 -20.60
N VAL A 121 2.41 -5.68 -20.52
CA VAL A 121 3.53 -5.81 -21.47
C VAL A 121 4.81 -6.39 -20.84
N GLU A 122 5.31 -7.51 -21.39
CA GLU A 122 6.56 -8.13 -20.93
C GLU A 122 7.76 -7.26 -21.36
N VAL A 123 8.56 -6.83 -20.38
CA VAL A 123 9.72 -5.94 -20.57
C VAL A 123 11.02 -6.77 -20.74
N SER A 124 11.22 -7.75 -19.85
CA SER A 124 12.40 -8.61 -19.82
C SER A 124 12.04 -10.00 -19.24
N ARG A 125 13.00 -10.92 -19.34
CA ARG A 125 12.89 -12.30 -18.93
C ARG A 125 14.31 -12.71 -18.49
N TRP A 126 14.41 -13.42 -17.35
CA TRP A 126 15.70 -13.88 -16.82
C TRP A 126 15.61 -15.33 -16.42
N GLY A 127 16.62 -16.11 -16.81
CA GLY A 127 16.73 -17.52 -16.47
C GLY A 127 15.93 -18.44 -17.35
N THR A 128 16.31 -19.73 -17.37
CA THR A 128 15.62 -20.74 -18.16
C THR A 128 14.88 -21.75 -17.27
N PRO A 129 13.53 -21.80 -17.38
CA PRO A 129 12.77 -22.80 -16.61
C PRO A 129 13.32 -24.20 -16.82
N ARG A 130 13.62 -24.85 -15.70
CA ARG A 130 14.21 -26.18 -15.62
C ARG A 130 13.34 -27.25 -16.34
N GLN A 131 13.99 -28.17 -17.04
CA GLN A 131 13.33 -29.32 -17.66
C GLN A 131 13.58 -30.50 -16.70
N PHE A 132 12.50 -31.14 -16.23
CA PHE A 132 12.50 -32.24 -15.26
C PHE A 132 12.46 -33.59 -15.94
N ASP A 133 13.13 -34.58 -15.31
CA ASP A 133 13.23 -35.98 -15.75
C ASP A 133 12.21 -36.84 -15.01
N PHE A 134 11.27 -36.19 -14.31
CA PHE A 134 10.22 -36.85 -13.53
C PHE A 134 8.98 -35.95 -13.55
N GLU A 135 7.85 -36.46 -13.05
CA GLU A 135 6.59 -35.69 -12.96
C GLU A 135 6.77 -34.64 -11.86
N VAL A 136 6.51 -33.38 -12.20
CA VAL A 136 6.66 -32.26 -11.29
C VAL A 136 5.63 -32.35 -10.15
N ARG A 137 6.10 -32.28 -8.91
CA ARG A 137 5.27 -32.23 -7.71
C ARG A 137 5.09 -30.75 -7.33
N ASP A 138 3.89 -30.38 -6.88
CA ASP A 138 3.68 -29.00 -6.46
C ASP A 138 4.19 -28.87 -5.03
N HIS A 139 4.30 -27.63 -4.54
CA HIS A 139 4.80 -27.33 -3.19
C HIS A 139 3.94 -27.96 -2.10
N VAL A 140 2.61 -28.12 -2.32
CA VAL A 140 1.67 -28.75 -1.39
C VAL A 140 2.04 -30.24 -1.17
N THR A 141 2.25 -30.99 -2.27
CA THR A 141 2.63 -32.40 -2.27
C THR A 141 4.00 -32.55 -1.60
N LEU A 142 4.96 -31.66 -1.96
CA LEU A 142 6.30 -31.64 -1.38
C LEU A 142 6.24 -31.35 0.14
N GLY A 143 5.35 -30.43 0.56
CA GLY A 143 5.14 -30.07 1.96
C GLY A 143 4.61 -31.25 2.78
N GLU A 144 3.67 -32.02 2.19
CA GLU A 144 3.12 -33.23 2.81
C GLU A 144 4.19 -34.33 2.93
N MET A 145 5.04 -34.48 1.88
CA MET A 145 6.13 -35.48 1.88
C MET A 145 7.13 -35.23 3.01
N HIS A 146 7.47 -33.95 3.27
CA HIS A 146 8.36 -33.53 4.34
C HIS A 146 7.64 -33.39 5.70
N GLY A 147 6.31 -33.33 5.66
CA GLY A 147 5.48 -33.08 6.84
C GLY A 147 5.63 -31.63 7.31
N GLY A 148 6.12 -30.77 6.42
CA GLY A 148 6.46 -29.37 6.72
C GLY A 148 5.47 -28.28 6.42
N LEU A 149 4.45 -28.54 5.58
CA LEU A 149 3.38 -27.59 5.23
C LEU A 149 2.10 -28.30 5.56
N ASP A 150 1.43 -27.79 6.60
CA ASP A 150 0.22 -28.40 7.14
C ASP A 150 -0.93 -27.42 7.09
N PHE A 151 -1.80 -27.62 6.09
CA PHE A 151 -2.97 -26.79 5.89
C PHE A 151 -4.14 -27.22 6.76
N ALA A 152 -4.30 -28.55 7.02
CA ALA A 152 -5.39 -29.09 7.87
C ALA A 152 -5.24 -28.61 9.32
N ALA A 153 -4.00 -28.60 9.87
CA ALA A 153 -3.72 -28.08 11.23
C ALA A 153 -4.10 -26.57 11.33
N ALA A 154 -3.88 -25.81 10.24
CA ALA A 154 -4.20 -24.37 10.20
C ALA A 154 -5.71 -24.13 10.16
N VAL A 155 -6.47 -25.02 9.49
CA VAL A 155 -7.94 -25.00 9.45
C VAL A 155 -8.43 -25.28 10.88
N LYS A 156 -7.84 -26.28 11.57
CA LYS A 156 -8.19 -26.61 12.97
C LYS A 156 -7.91 -25.41 13.90
N LEU A 157 -6.70 -24.80 13.80
CA LEU A 157 -6.35 -23.63 14.63
C LEU A 157 -7.17 -22.42 14.32
N THR A 158 -7.40 -22.16 13.03
CA THR A 158 -8.05 -20.92 12.57
C THR A 158 -9.20 -21.16 11.58
N GLY A 159 -8.85 -21.39 10.33
CA GLY A 159 -9.79 -21.59 9.24
C GLY A 159 -9.04 -21.70 7.92
N SER A 160 -9.75 -21.58 6.81
CA SER A 160 -9.18 -21.66 5.46
C SER A 160 -8.28 -20.44 5.14
N ARG A 161 -7.29 -20.67 4.24
CA ARG A 161 -6.32 -19.70 3.75
C ARG A 161 -5.32 -19.30 4.82
N PHE A 162 -4.94 -20.26 5.66
CA PHE A 162 -3.88 -20.15 6.66
C PHE A 162 -2.98 -21.40 6.52
N VAL A 163 -1.75 -21.32 7.02
CA VAL A 163 -0.82 -22.46 6.97
C VAL A 163 -0.08 -22.63 8.30
N VAL A 164 0.32 -23.87 8.59
CA VAL A 164 1.23 -24.19 9.67
C VAL A 164 2.47 -24.78 8.98
N MET A 165 3.66 -24.20 9.21
CA MET A 165 4.90 -24.77 8.68
C MET A 165 5.62 -25.40 9.86
N LYS A 166 6.25 -26.57 9.65
CA LYS A 166 6.90 -27.32 10.73
C LYS A 166 8.28 -27.75 10.30
N GLY A 167 9.24 -27.74 11.23
CA GLY A 167 10.60 -28.20 10.98
C GLY A 167 11.44 -27.42 9.99
N GLN A 168 12.18 -28.15 9.15
CA GLN A 168 13.12 -27.60 8.17
C GLN A 168 12.49 -26.68 7.15
N LEU A 169 11.22 -26.91 6.75
CA LEU A 169 10.55 -26.00 5.81
C LEU A 169 10.24 -24.64 6.46
N ALA A 170 9.93 -24.61 7.80
CA ALA A 170 9.68 -23.38 8.57
C ALA A 170 11.03 -22.65 8.74
N ARG A 171 12.10 -23.42 8.96
CA ARG A 171 13.46 -22.89 9.06
C ARG A 171 13.88 -22.22 7.74
N LEU A 172 13.56 -22.86 6.60
CA LEU A 172 13.87 -22.36 5.26
C LEU A 172 13.12 -21.05 4.96
N HIS A 173 11.82 -20.97 5.36
CA HIS A 173 10.96 -19.79 5.19
C HIS A 173 11.61 -18.61 5.94
N ARG A 174 12.13 -18.88 7.17
CA ARG A 174 12.85 -17.90 7.97
C ARG A 174 14.15 -17.48 7.28
N ALA A 175 14.96 -18.45 6.77
CA ALA A 175 16.24 -18.18 6.07
C ALA A 175 16.02 -17.21 4.90
N LEU A 176 14.91 -17.40 4.13
CA LEU A 176 14.54 -16.56 3.00
C LEU A 176 14.34 -15.09 3.41
N ALA A 177 13.55 -14.84 4.48
CA ALA A 177 13.27 -13.51 5.02
C ALA A 177 14.56 -12.88 5.56
N GLN A 178 15.43 -13.68 6.21
CA GLN A 178 16.72 -13.19 6.74
C GLN A 178 17.65 -12.73 5.61
N PHE A 179 17.77 -13.57 4.55
CA PHE A 179 18.57 -13.31 3.34
C PHE A 179 18.10 -12.02 2.66
N MET A 180 16.77 -11.83 2.50
CA MET A 180 16.16 -10.64 1.88
C MET A 180 16.49 -9.37 2.66
N LEU A 181 16.29 -9.38 3.99
CA LEU A 181 16.57 -8.23 4.86
C LEU A 181 18.04 -7.85 4.82
N ASP A 182 18.93 -8.87 4.88
CA ASP A 182 20.37 -8.65 4.83
C ASP A 182 20.79 -8.10 3.50
N LEU A 183 20.20 -8.61 2.40
CA LEU A 183 20.53 -8.08 1.08
C LEU A 183 20.19 -6.60 0.96
N HIS A 184 18.96 -6.20 1.34
CA HIS A 184 18.52 -4.82 1.20
C HIS A 184 19.22 -3.85 2.15
N THR A 185 19.52 -4.28 3.38
CA THR A 185 20.20 -3.42 4.36
C THR A 185 21.71 -3.35 4.11
N GLU A 186 22.35 -4.47 3.78
CA GLU A 186 23.82 -4.47 3.60
C GLU A 186 24.28 -4.01 2.21
N GLN A 187 23.51 -4.30 1.14
CA GLN A 187 23.91 -3.96 -0.24
C GLN A 187 23.08 -2.88 -0.94
N HIS A 188 21.80 -2.72 -0.57
CA HIS A 188 20.91 -1.83 -1.31
C HIS A 188 20.59 -0.47 -0.65
N GLY A 189 21.18 -0.19 0.52
CA GLY A 189 21.03 1.10 1.18
C GLY A 189 19.74 1.34 1.93
N TYR A 190 18.98 0.27 2.27
CA TYR A 190 17.73 0.41 3.03
C TYR A 190 18.01 0.32 4.53
N SER A 191 17.25 1.09 5.32
CA SER A 191 17.33 1.03 6.78
C SER A 191 16.22 0.07 7.28
N GLU A 192 16.57 -0.80 8.23
CA GLU A 192 15.67 -1.80 8.80
C GLU A 192 14.70 -1.17 9.79
N ASN A 193 13.44 -1.65 9.81
CA ASN A 193 12.45 -1.13 10.75
C ASN A 193 11.59 -2.22 11.36
N TYR A 194 11.22 -2.06 12.64
CA TYR A 194 10.25 -2.92 13.32
C TYR A 194 9.01 -2.00 13.43
N VAL A 195 7.86 -2.45 12.92
CA VAL A 195 6.65 -1.63 12.86
C VAL A 195 5.45 -2.23 13.58
N PRO A 196 4.43 -1.41 13.96
CA PRO A 196 3.18 -2.00 14.47
C PRO A 196 2.49 -2.77 13.33
N TYR A 197 1.78 -3.88 13.67
CA TYR A 197 1.05 -4.69 12.69
C TYR A 197 -0.44 -4.35 12.72
N LEU A 198 -0.81 -3.46 13.64
CA LEU A 198 -2.14 -2.86 13.79
C LEU A 198 -1.90 -1.37 13.54
N VAL A 199 -2.78 -0.74 12.74
CA VAL A 199 -2.71 0.69 12.40
C VAL A 199 -4.07 1.37 12.54
N ASN A 200 -4.07 2.69 12.70
CA ASN A 200 -5.29 3.50 12.87
C ASN A 200 -5.86 3.97 11.51
N GLN A 201 -7.05 4.63 11.55
CA GLN A 201 -7.76 5.14 10.37
C GLN A 201 -6.96 6.20 9.59
N ASP A 202 -6.24 7.10 10.30
CA ASP A 202 -5.38 8.13 9.67
C ASP A 202 -4.34 7.47 8.75
N THR A 203 -3.69 6.40 9.24
CA THR A 203 -2.68 5.63 8.50
C THR A 203 -3.29 5.02 7.24
N LEU A 204 -4.47 4.37 7.39
CA LEU A 204 -5.16 3.74 6.26
C LEU A 204 -5.62 4.74 5.19
N TYR A 205 -6.09 5.95 5.60
CA TYR A 205 -6.40 7.04 4.66
C TYR A 205 -5.10 7.51 3.99
N GLY A 206 -4.05 7.65 4.78
CA GLY A 206 -2.73 8.07 4.29
C GLY A 206 -2.21 7.29 3.10
N THR A 207 -2.29 5.94 3.14
CA THR A 207 -1.74 5.14 2.04
C THR A 207 -2.79 4.68 1.01
N GLY A 208 -4.05 5.06 1.20
CA GLY A 208 -5.13 4.78 0.25
C GLY A 208 -6.02 3.57 0.48
N GLN A 209 -5.86 2.82 1.59
CA GLN A 209 -6.71 1.66 1.90
C GLN A 209 -8.11 2.19 2.23
N LEU A 210 -8.18 3.37 2.88
CA LEU A 210 -9.43 4.06 3.19
C LEU A 210 -9.60 5.27 2.27
N PRO A 211 -10.83 5.57 1.83
CA PRO A 211 -12.12 4.99 2.24
C PRO A 211 -12.65 3.81 1.43
N LYS A 212 -12.02 3.52 0.29
CA LYS A 212 -12.53 2.60 -0.72
C LYS A 212 -12.28 1.10 -0.49
N PHE A 213 -11.24 0.71 0.27
CA PHE A 213 -10.93 -0.73 0.41
C PHE A 213 -10.97 -1.28 1.84
N ALA A 214 -11.94 -0.85 2.66
CA ALA A 214 -12.09 -1.40 4.03
C ALA A 214 -12.38 -2.93 4.00
N GLY A 215 -13.06 -3.39 2.96
CA GLY A 215 -13.40 -4.80 2.78
C GLY A 215 -12.22 -5.70 2.46
N ASP A 216 -11.05 -5.11 2.10
CA ASP A 216 -9.81 -5.86 1.81
C ASP A 216 -9.06 -6.20 3.10
N LEU A 217 -9.53 -5.67 4.25
CA LEU A 217 -8.85 -5.77 5.54
C LEU A 217 -9.52 -6.56 6.66
N PHE A 218 -8.72 -6.98 7.65
CA PHE A 218 -9.15 -7.53 8.92
C PHE A 218 -9.19 -6.30 9.85
N HIS A 219 -10.30 -6.10 10.57
CA HIS A 219 -10.48 -4.97 11.50
C HIS A 219 -10.60 -5.50 12.94
N THR A 220 -10.00 -4.78 13.90
CA THR A 220 -10.14 -5.20 15.31
C THR A 220 -11.20 -4.39 15.99
N ARG A 221 -11.93 -5.02 16.93
CA ARG A 221 -12.96 -4.32 17.69
CA ARG A 221 -12.97 -4.34 17.71
C ARG A 221 -12.23 -3.41 18.69
N PRO A 222 -12.77 -2.21 19.02
CA PRO A 222 -12.06 -1.34 19.99
C PRO A 222 -11.87 -2.00 21.35
N LEU A 223 -10.81 -1.62 22.05
CA LEU A 223 -10.53 -2.13 23.40
C LEU A 223 -11.42 -1.35 24.37
N GLU A 224 -11.89 -2.01 25.46
CA GLU A 224 -12.76 -1.42 26.48
C GLU A 224 -12.17 -0.14 27.13
N GLU A 225 -10.85 -0.15 27.43
CA GLU A 225 -10.13 0.97 28.06
C GLU A 225 -9.60 1.97 27.04
N GLU A 226 -9.83 1.74 25.74
CA GLU A 226 -9.41 2.65 24.66
C GLU A 226 -10.55 2.75 23.65
N ALA A 227 -11.79 2.85 24.19
CA ALA A 227 -13.08 2.85 23.49
C ALA A 227 -13.16 3.72 22.24
N ASP A 228 -12.59 4.94 22.26
CA ASP A 228 -12.68 5.87 21.13
C ASP A 228 -11.39 6.03 20.31
N SER A 229 -10.31 5.33 20.68
CA SER A 229 -9.03 5.47 20.00
C SER A 229 -8.40 4.15 19.56
N SER A 230 -9.19 3.05 19.49
CA SER A 230 -8.62 1.77 19.08
C SER A 230 -9.41 1.04 17.98
N ASN A 231 -9.89 1.78 16.96
CA ASN A 231 -10.51 1.15 15.79
C ASN A 231 -9.35 0.90 14.86
N TYR A 232 -8.75 -0.29 14.98
CA TYR A 232 -7.57 -0.64 14.22
C TYR A 232 -7.85 -1.68 13.16
N ALA A 233 -6.94 -1.80 12.20
CA ALA A 233 -6.96 -2.83 11.16
C ALA A 233 -5.55 -3.42 11.13
N LEU A 234 -5.47 -4.71 10.83
CA LEU A 234 -4.21 -5.42 10.64
C LEU A 234 -3.65 -4.94 9.31
N ILE A 235 -2.33 -4.76 9.25
CA ILE A 235 -1.70 -4.24 8.04
C ILE A 235 -1.76 -5.24 6.87
N PRO A 236 -2.13 -4.77 5.65
CA PRO A 236 -2.09 -5.69 4.48
C PRO A 236 -0.70 -5.78 3.85
N THR A 237 0.25 -4.93 4.31
CA THR A 237 1.62 -4.76 3.77
C THR A 237 2.35 -3.75 4.64
N ALA A 238 3.68 -3.93 4.83
CA ALA A 238 4.54 -3.01 5.59
C ALA A 238 4.58 -1.62 4.94
N GLU A 239 4.18 -1.51 3.64
CA GLU A 239 4.05 -0.23 2.92
C GLU A 239 3.17 0.73 3.77
N VAL A 240 2.10 0.23 4.41
CA VAL A 240 1.14 1.04 5.16
C VAL A 240 1.84 1.72 6.36
N PRO A 241 2.44 1.00 7.36
CA PRO A 241 3.13 1.74 8.45
C PRO A 241 4.40 2.48 8.02
N LEU A 242 5.25 1.89 7.13
CA LEU A 242 6.50 2.54 6.68
C LEU A 242 6.27 3.85 5.96
N THR A 243 5.34 3.89 4.96
CA THR A 243 5.07 5.14 4.23
C THR A 243 4.53 6.24 5.17
N ASN A 244 3.69 5.87 6.14
CA ASN A 244 3.11 6.80 7.10
C ASN A 244 4.12 7.35 8.12
N LEU A 245 5.35 6.82 8.16
CA LEU A 245 6.38 7.37 9.06
C LEU A 245 6.71 8.83 8.67
N VAL A 246 6.52 9.21 7.38
CA VAL A 246 6.79 10.59 6.94
C VAL A 246 5.51 11.47 6.96
N ARG A 247 4.37 10.93 7.46
CA ARG A 247 3.12 11.70 7.56
C ARG A 247 3.33 12.92 8.48
N ASP A 248 2.87 14.11 8.00
CA ASP A 248 2.96 15.41 8.69
C ASP A 248 4.39 15.86 8.96
N GLU A 249 5.33 15.49 8.08
CA GLU A 249 6.73 15.85 8.24
C GLU A 249 7.21 16.77 7.12
N ILE A 250 8.14 17.65 7.44
CA ILE A 250 8.86 18.50 6.49
C ILE A 250 10.30 17.97 6.54
N ILE A 251 10.73 17.35 5.46
CA ILE A 251 12.05 16.73 5.37
C ILE A 251 13.02 17.65 4.64
N ASP A 252 14.25 17.76 5.15
CA ASP A 252 15.27 18.54 4.47
C ASP A 252 15.63 17.71 3.22
N GLU A 253 15.65 18.33 2.03
CA GLU A 253 15.95 17.62 0.78
C GLU A 253 17.31 16.91 0.78
N ASP A 254 18.28 17.41 1.57
CA ASP A 254 19.60 16.77 1.73
C ASP A 254 19.48 15.37 2.35
N ASP A 255 18.39 15.11 3.11
CA ASP A 255 18.18 13.84 3.82
C ASP A 255 17.48 12.81 2.96
N LEU A 256 17.04 13.22 1.78
CA LEU A 256 16.41 12.33 0.82
C LEU A 256 17.50 11.68 -0.08
N PRO A 257 17.34 10.41 -0.52
CA PRO A 257 16.19 9.51 -0.30
C PRO A 257 16.17 8.85 1.08
N ILE A 258 14.96 8.62 1.63
CA ILE A 258 14.77 7.84 2.87
C ILE A 258 14.34 6.45 2.36
N LYS A 259 15.20 5.45 2.57
CA LYS A 259 14.99 4.08 2.10
C LYS A 259 14.75 3.15 3.28
N MET A 260 13.54 2.58 3.34
CA MET A 260 13.14 1.74 4.47
C MET A 260 12.74 0.34 4.07
N THR A 261 13.07 -0.62 4.92
CA THR A 261 12.70 -2.01 4.73
C THR A 261 12.16 -2.57 6.02
N ALA A 262 11.28 -3.56 5.90
CA ALA A 262 10.68 -4.26 7.05
C ALA A 262 10.25 -5.66 6.59
N HIS A 263 10.27 -6.62 7.52
CA HIS A 263 9.78 -7.97 7.33
C HIS A 263 8.59 -8.09 8.26
N THR A 264 7.39 -8.27 7.72
CA THR A 264 6.21 -8.37 8.56
C THR A 264 5.24 -9.43 8.06
N PRO A 265 4.32 -9.95 8.91
CA PRO A 265 3.18 -10.71 8.36
C PRO A 265 2.25 -9.66 7.68
N CYS A 266 1.44 -10.11 6.72
CA CYS A 266 0.52 -9.26 5.96
C CYS A 266 -0.83 -9.93 6.01
N PHE A 267 -1.86 -9.18 6.36
CA PHE A 267 -3.21 -9.69 6.56
C PHE A 267 -4.17 -9.13 5.54
N ARG A 268 -4.80 -10.02 4.77
CA ARG A 268 -5.71 -9.64 3.68
C ARG A 268 -6.95 -10.53 3.70
N SER A 269 -8.13 -9.92 3.52
CA SER A 269 -9.40 -10.64 3.50
C SER A 269 -9.49 -11.53 2.25
N GLU A 270 -8.79 -11.13 1.17
CA GLU A 270 -8.81 -11.86 -0.12
C GLU A 270 -10.23 -12.06 -0.65
N ALA A 271 -11.08 -11.02 -0.50
CA ALA A 271 -12.44 -10.99 -0.99
C ALA A 271 -12.43 -11.10 -2.54
N GLY A 272 -13.40 -11.81 -3.09
CA GLY A 272 -13.53 -12.00 -4.54
C GLY A 272 -12.61 -13.05 -5.15
N SER A 273 -11.89 -13.82 -4.30
CA SER A 273 -10.94 -14.86 -4.74
C SER A 273 -11.55 -16.27 -4.71
N TYR A 274 -12.89 -16.37 -4.86
CA TYR A 274 -13.62 -17.66 -4.86
C TYR A 274 -13.18 -18.52 -6.04
N GLY A 275 -12.66 -19.70 -5.72
CA GLY A 275 -12.17 -20.67 -6.70
C GLY A 275 -10.76 -20.40 -7.22
N ARG A 276 -10.16 -19.24 -6.85
CA ARG A 276 -8.83 -18.81 -7.26
C ARG A 276 -7.77 -19.15 -6.21
N ASP A 277 -6.72 -19.90 -6.62
CA ASP A 277 -5.60 -20.33 -5.76
C ASP A 277 -6.09 -20.99 -4.44
N THR A 278 -7.07 -21.90 -4.59
CA THR A 278 -7.73 -22.66 -3.52
C THR A 278 -6.72 -23.60 -2.79
N ARG A 279 -5.73 -24.14 -3.52
CA ARG A 279 -4.73 -25.06 -3.01
C ARG A 279 -3.36 -24.40 -2.90
N GLY A 280 -2.74 -24.47 -1.71
CA GLY A 280 -1.41 -23.96 -1.45
C GLY A 280 -1.23 -22.62 -0.79
N LEU A 281 0.03 -22.15 -0.77
CA LEU A 281 0.51 -20.91 -0.15
C LEU A 281 0.33 -19.65 -0.96
N ILE A 282 -0.03 -19.70 -2.26
CA ILE A 282 -0.06 -18.50 -3.12
C ILE A 282 -0.96 -17.37 -2.57
N ARG A 283 -2.20 -17.69 -2.19
CA ARG A 283 -3.16 -16.67 -1.73
C ARG A 283 -3.71 -16.95 -0.32
N MET A 284 -2.92 -16.62 0.72
CA MET A 284 -3.29 -16.81 2.13
C MET A 284 -3.84 -15.52 2.71
N HIS A 285 -4.55 -15.62 3.86
CA HIS A 285 -5.03 -14.45 4.62
C HIS A 285 -3.86 -13.83 5.35
N GLN A 286 -2.82 -14.65 5.67
CA GLN A 286 -1.62 -14.21 6.37
C GLN A 286 -0.41 -14.71 5.60
N PHE A 287 0.50 -13.79 5.26
CA PHE A 287 1.73 -14.14 4.54
C PHE A 287 2.85 -13.20 4.97
N ASP A 288 4.11 -13.67 4.97
CA ASP A 288 5.23 -12.79 5.28
C ASP A 288 5.74 -12.10 4.03
N LYS A 289 6.19 -10.86 4.17
CA LYS A 289 6.74 -10.10 3.06
C LYS A 289 7.82 -9.13 3.53
N VAL A 290 8.92 -9.06 2.77
CA VAL A 290 10.01 -8.11 2.97
C VAL A 290 9.71 -6.97 2.00
N GLU A 291 9.34 -5.84 2.57
CA GLU A 291 8.93 -4.64 1.84
C GLU A 291 10.05 -3.64 1.73
N MET A 292 10.09 -2.91 0.60
CA MET A 292 10.99 -1.80 0.33
C MET A 292 10.13 -0.57 0.11
N VAL A 293 10.47 0.51 0.78
CA VAL A 293 9.76 1.78 0.65
C VAL A 293 10.82 2.85 0.44
N GLN A 294 10.60 3.74 -0.53
CA GLN A 294 11.47 4.87 -0.79
C GLN A 294 10.68 6.18 -0.75
N ILE A 295 11.22 7.18 -0.02
CA ILE A 295 10.71 8.55 0.08
C ILE A 295 11.77 9.37 -0.67
N VAL A 296 11.37 9.98 -1.80
CA VAL A 296 12.32 10.68 -2.69
C VAL A 296 11.85 12.09 -3.11
N ARG A 297 12.78 12.84 -3.72
CA ARG A 297 12.53 14.16 -4.31
C ARG A 297 11.65 13.92 -5.57
N PRO A 298 10.68 14.82 -5.87
CA PRO A 298 9.82 14.61 -7.06
C PRO A 298 10.53 14.29 -8.38
N GLU A 299 11.73 14.85 -8.62
CA GLU A 299 12.49 14.62 -9.85
C GLU A 299 13.25 13.30 -9.89
N ASP A 300 13.31 12.54 -8.76
CA ASP A 300 14.07 11.28 -8.68
C ASP A 300 13.23 9.98 -8.65
N SER A 301 11.88 10.08 -8.63
CA SER A 301 10.98 8.95 -8.48
C SER A 301 11.02 7.94 -9.62
N MET A 302 11.15 8.41 -10.87
CA MET A 302 11.23 7.52 -12.03
C MET A 302 12.54 6.71 -12.02
N ALA A 303 13.67 7.33 -11.63
CA ALA A 303 14.95 6.62 -11.51
C ALA A 303 14.92 5.65 -10.31
N ALA A 304 14.28 6.07 -9.18
CA ALA A 304 14.11 5.27 -7.96
C ALA A 304 13.32 3.98 -8.24
N LEU A 305 12.26 4.05 -9.10
CA LEU A 305 11.45 2.90 -9.50
C LEU A 305 12.31 1.84 -10.22
N GLU A 306 13.19 2.28 -11.13
CA GLU A 306 14.10 1.39 -11.85
C GLU A 306 15.05 0.68 -10.88
N GLU A 307 15.62 1.45 -9.94
CA GLU A 307 16.53 0.99 -8.90
C GLU A 307 15.86 -0.03 -7.96
N MET A 308 14.66 0.28 -7.44
CA MET A 308 13.90 -0.58 -6.54
C MET A 308 13.47 -1.89 -7.20
N THR A 309 13.05 -1.84 -8.50
CA THR A 309 12.67 -3.02 -9.29
C THR A 309 13.88 -3.94 -9.46
N GLY A 310 15.07 -3.34 -9.72
CA GLY A 310 16.34 -4.05 -9.82
C GLY A 310 16.73 -4.71 -8.50
N HIS A 311 16.39 -4.06 -7.35
CA HIS A 311 16.66 -4.61 -6.01
C HIS A 311 15.82 -5.88 -5.75
N ALA A 312 14.54 -5.90 -6.22
CA ALA A 312 13.66 -7.07 -6.10
C ALA A 312 14.11 -8.18 -7.08
N GLU A 313 14.56 -7.78 -8.31
CA GLU A 313 15.07 -8.70 -9.32
C GLU A 313 16.32 -9.45 -8.82
N LYS A 314 17.21 -8.74 -8.08
CA LYS A 314 18.45 -9.26 -7.50
C LYS A 314 18.21 -10.46 -6.57
N VAL A 315 17.10 -10.44 -5.79
CA VAL A 315 16.72 -11.53 -4.89
C VAL A 315 16.49 -12.80 -5.71
N LEU A 316 15.70 -12.70 -6.79
CA LEU A 316 15.37 -13.81 -7.69
C LEU A 316 16.59 -14.35 -8.42
N GLN A 317 17.48 -13.47 -8.85
CA GLN A 317 18.72 -13.81 -9.56
C GLN A 317 19.69 -14.58 -8.67
N LEU A 318 19.97 -14.05 -7.44
CA LEU A 318 20.82 -14.72 -6.45
C LEU A 318 20.24 -16.08 -6.03
N LEU A 319 18.89 -16.19 -6.00
CA LEU A 319 18.24 -17.47 -5.67
C LEU A 319 18.19 -18.44 -6.84
N GLY A 320 18.54 -17.99 -8.04
CA GLY A 320 18.54 -18.79 -9.27
C GLY A 320 17.13 -19.14 -9.70
N LEU A 321 16.16 -18.23 -9.46
CA LEU A 321 14.76 -18.47 -9.81
C LEU A 321 14.37 -17.76 -11.11
N PRO A 322 14.09 -18.50 -12.22
CA PRO A 322 13.71 -17.83 -13.48
C PRO A 322 12.44 -16.99 -13.32
N TYR A 323 12.43 -15.82 -13.94
CA TYR A 323 11.32 -14.88 -13.83
C TYR A 323 11.18 -14.02 -15.11
N ARG A 324 10.06 -13.29 -15.21
CA ARG A 324 9.80 -12.31 -16.26
C ARG A 324 9.40 -11.00 -15.55
N LYS A 325 9.78 -9.85 -16.13
CA LYS A 325 9.44 -8.53 -15.62
C LYS A 325 8.34 -7.99 -16.54
N VAL A 326 7.20 -7.60 -15.95
CA VAL A 326 6.03 -7.13 -16.68
C VAL A 326 5.69 -5.65 -16.33
N ALA A 327 5.46 -4.81 -17.35
CA ALA A 327 5.00 -3.43 -17.14
C ALA A 327 3.46 -3.53 -17.14
N LEU A 328 2.83 -3.17 -16.02
CA LEU A 328 1.38 -3.23 -15.90
C LEU A 328 0.71 -2.17 -16.75
N CYS A 329 -0.44 -2.52 -17.35
CA CYS A 329 -1.23 -1.59 -18.17
C CYS A 329 -2.12 -0.73 -17.26
N THR A 330 -2.75 0.32 -17.80
CA THR A 330 -3.62 1.25 -17.06
C THR A 330 -4.74 0.53 -16.26
N GLY A 331 -5.35 -0.48 -16.87
CA GLY A 331 -6.44 -1.25 -16.29
C GLY A 331 -6.07 -2.31 -15.28
N ASP A 332 -4.77 -2.59 -15.08
CA ASP A 332 -4.35 -3.62 -14.12
C ASP A 332 -3.56 -3.06 -12.90
N MET A 333 -3.34 -1.75 -12.85
CA MET A 333 -2.59 -1.10 -11.76
C MET A 333 -3.41 -0.99 -10.49
N GLY A 334 -2.74 -0.93 -9.36
CA GLY A 334 -3.36 -0.68 -8.06
C GLY A 334 -3.77 0.78 -7.93
N PHE A 335 -4.69 1.07 -6.99
CA PHE A 335 -5.28 2.38 -6.72
C PHE A 335 -4.29 3.57 -6.60
N SER A 336 -3.22 3.42 -5.80
CA SER A 336 -2.24 4.48 -5.53
C SER A 336 -1.17 4.67 -6.58
N ALA A 337 -0.92 3.65 -7.38
CA ALA A 337 0.15 3.65 -8.37
C ALA A 337 -0.10 4.52 -9.59
N CYS A 338 0.97 5.16 -10.07
CA CYS A 338 0.98 5.93 -11.31
C CYS A 338 1.77 5.12 -12.34
N LYS A 339 2.65 4.21 -11.88
CA LYS A 339 3.47 3.31 -12.71
C LYS A 339 3.91 2.08 -11.91
N THR A 340 3.67 0.86 -12.45
CA THR A 340 4.00 -0.40 -11.78
C THR A 340 4.69 -1.43 -12.68
N TYR A 341 5.68 -2.12 -12.12
CA TYR A 341 6.33 -3.29 -12.70
C TYR A 341 6.04 -4.47 -11.79
N ASP A 342 5.65 -5.61 -12.37
CA ASP A 342 5.47 -6.83 -11.60
C ASP A 342 6.54 -7.82 -11.99
N LEU A 343 7.05 -8.57 -11.00
CA LEU A 343 7.98 -9.66 -11.25
C LEU A 343 7.14 -10.91 -11.08
N GLU A 344 7.27 -11.83 -12.02
CA GLU A 344 6.53 -13.08 -12.04
C GLU A 344 7.53 -14.20 -12.14
N VAL A 345 7.57 -15.06 -11.09
CA VAL A 345 8.51 -16.19 -10.95
C VAL A 345 7.97 -17.48 -11.62
N TRP A 346 8.87 -18.30 -12.18
CA TRP A 346 8.46 -19.57 -12.79
C TRP A 346 7.99 -20.54 -11.70
N VAL A 347 6.79 -21.11 -11.90
CA VAL A 347 6.17 -22.06 -10.98
C VAL A 347 6.00 -23.37 -11.79
N PRO A 348 6.99 -24.29 -11.71
CA PRO A 348 6.94 -25.54 -12.50
C PRO A 348 5.64 -26.34 -12.51
N ALA A 349 4.94 -26.48 -11.36
CA ALA A 349 3.71 -27.29 -11.30
C ALA A 349 2.51 -26.64 -11.98
N GLN A 350 2.56 -25.32 -12.14
CA GLN A 350 1.51 -24.54 -12.78
C GLN A 350 1.82 -24.27 -14.25
N ASN A 351 3.06 -24.60 -14.68
CA ASN A 351 3.60 -24.39 -16.04
C ASN A 351 3.43 -22.92 -16.52
N THR A 352 3.62 -21.97 -15.60
CA THR A 352 3.49 -20.53 -15.88
C THR A 352 4.34 -19.68 -14.91
N TYR A 353 4.36 -18.36 -15.14
CA TYR A 353 5.00 -17.39 -14.26
C TYR A 353 3.92 -16.84 -13.33
N ARG A 354 4.23 -16.74 -12.02
CA ARG A 354 3.29 -16.20 -11.03
C ARG A 354 3.88 -15.01 -10.32
N GLU A 355 3.08 -13.95 -10.18
CA GLU A 355 3.47 -12.72 -9.50
C GLU A 355 4.07 -13.03 -8.12
N ILE A 356 5.24 -12.43 -7.83
CA ILE A 356 6.00 -12.57 -6.59
C ILE A 356 6.38 -11.17 -6.02
N SER A 357 6.33 -10.14 -6.88
CA SER A 357 6.63 -8.75 -6.50
C SER A 357 5.83 -7.76 -7.33
N SER A 358 5.49 -6.64 -6.71
CA SER A 358 4.83 -5.53 -7.37
C SER A 358 5.56 -4.26 -6.91
N CYS A 359 6.21 -3.54 -7.87
CA CYS A 359 7.02 -2.33 -7.62
C CYS A 359 6.37 -1.10 -8.24
N SER A 360 5.99 -0.13 -7.39
CA SER A 360 5.27 1.06 -7.85
C SER A 360 5.86 2.43 -7.53
N ASN A 361 5.62 3.38 -8.46
CA ASN A 361 5.88 4.79 -8.26
C ASN A 361 4.47 5.36 -7.95
N VAL A 362 4.29 5.89 -6.76
CA VAL A 362 3.01 6.44 -6.30
C VAL A 362 2.95 7.94 -6.61
N TRP A 363 4.07 8.55 -7.08
CA TRP A 363 4.14 10.00 -7.36
C TRP A 363 3.85 10.74 -6.03
N ASP A 364 3.06 11.82 -6.04
CA ASP A 364 2.72 12.59 -4.83
C ASP A 364 1.33 12.28 -4.22
N PHE A 365 0.68 11.21 -4.69
CA PHE A 365 -0.67 10.76 -4.31
C PHE A 365 -0.83 10.48 -2.79
N GLN A 366 0.08 9.66 -2.21
CA GLN A 366 0.05 9.36 -0.77
C GLN A 366 0.65 10.54 -0.02
N ALA A 367 1.73 11.15 -0.55
CA ALA A 367 2.35 12.34 0.07
C ALA A 367 1.32 13.47 0.29
N ARG A 368 0.35 13.66 -0.65
CA ARG A 368 -0.72 14.67 -0.53
C ARG A 368 -1.66 14.35 0.61
N ARG A 369 -2.07 13.07 0.73
CA ARG A 369 -2.97 12.59 1.80
C ARG A 369 -2.32 12.72 3.17
N MET A 370 -1.00 12.42 3.27
CA MET A 370 -0.21 12.40 4.50
C MET A 370 0.38 13.76 4.86
N GLN A 371 0.45 14.70 3.89
CA GLN A 371 1.10 16.00 4.06
C GLN A 371 2.59 15.78 4.37
N ALA A 372 3.22 14.94 3.54
CA ALA A 372 4.63 14.55 3.61
C ALA A 372 5.39 15.44 2.62
N ARG A 373 6.14 16.39 3.17
CA ARG A 373 6.81 17.45 2.41
C ARG A 373 8.32 17.44 2.51
N CYS A 374 8.95 18.16 1.58
CA CYS A 374 10.40 18.37 1.57
C CYS A 374 10.68 19.82 1.22
N ARG A 375 11.88 20.28 1.56
CA ARG A 375 12.32 21.66 1.34
C ARG A 375 13.84 21.78 1.36
N SER A 376 14.39 22.63 0.48
CA SER A 376 15.82 22.98 0.55
C SER A 376 15.89 24.13 1.56
N LYS A 377 16.96 24.20 2.38
CA LYS A 377 17.12 25.23 3.43
C LYS A 377 16.82 26.67 2.94
N SER A 378 17.25 27.02 1.70
CA SER A 378 17.01 28.32 1.07
C SER A 378 15.50 28.62 0.81
N ASP A 379 14.79 27.69 0.11
CA ASP A 379 13.39 27.73 -0.33
C ASP A 379 12.40 28.43 0.59
N LYS A 380 11.52 29.27 -0.02
CA LYS A 380 10.44 30.01 0.64
C LYS A 380 9.18 29.12 0.77
N LYS A 381 9.13 27.99 0.04
CA LYS A 381 8.01 27.05 0.13
C LYS A 381 8.49 25.60 0.04
N THR A 382 7.67 24.72 0.58
CA THR A 382 7.90 23.29 0.56
C THR A 382 7.15 22.72 -0.66
N ARG A 383 7.38 21.43 -0.94
CA ARG A 383 6.66 20.73 -2.00
C ARG A 383 6.45 19.28 -1.53
N LEU A 384 5.49 18.59 -2.11
CA LEU A 384 5.24 17.19 -1.74
C LEU A 384 6.32 16.26 -2.24
N VAL A 385 6.73 15.31 -1.40
CA VAL A 385 7.69 14.26 -1.79
C VAL A 385 6.99 13.26 -2.74
N HIS A 386 7.76 12.34 -3.30
CA HIS A 386 7.21 11.21 -4.03
C HIS A 386 7.45 9.97 -3.17
N THR A 387 6.55 8.98 -3.24
CA THR A 387 6.69 7.71 -2.51
C THR A 387 6.70 6.52 -3.47
N LEU A 388 7.44 5.48 -3.08
CA LEU A 388 7.58 4.25 -3.87
C LEU A 388 7.56 3.06 -2.94
N ASN A 389 7.07 1.93 -3.42
CA ASN A 389 7.02 0.69 -2.65
C ASN A 389 7.16 -0.51 -3.56
N GLY A 390 7.84 -1.54 -3.08
CA GLY A 390 8.07 -2.75 -3.85
C GLY A 390 8.33 -3.97 -2.99
N SER A 391 7.79 -5.14 -3.38
CA SER A 391 8.04 -6.36 -2.62
C SER A 391 9.47 -6.86 -2.96
N GLY A 392 10.24 -7.18 -1.93
CA GLY A 392 11.59 -7.70 -2.11
C GLY A 392 11.94 -8.87 -1.21
N LEU A 393 11.12 -9.95 -1.13
CA LEU A 393 9.87 -10.26 -1.86
C LEU A 393 8.78 -10.76 -0.90
N ALA A 394 7.63 -11.21 -1.48
CA ALA A 394 6.58 -11.94 -0.76
C ALA A 394 7.26 -13.32 -0.43
N VAL A 395 7.51 -13.59 0.87
CA VAL A 395 8.28 -14.75 1.35
C VAL A 395 7.61 -16.11 1.10
N GLY A 396 6.31 -16.22 1.36
CA GLY A 396 5.62 -17.49 1.13
C GLY A 396 5.67 -17.88 -0.33
N ARG A 397 5.48 -16.90 -1.25
CA ARG A 397 5.52 -17.17 -2.70
C ARG A 397 6.95 -17.50 -3.15
N THR A 398 7.99 -16.97 -2.43
CA THR A 398 9.38 -17.32 -2.75
C THR A 398 9.65 -18.78 -2.36
N LEU A 399 9.04 -19.24 -1.24
CA LEU A 399 9.16 -20.61 -0.74
C LEU A 399 8.54 -21.59 -1.72
N VAL A 400 7.36 -21.26 -2.29
CA VAL A 400 6.67 -22.02 -3.34
C VAL A 400 7.63 -22.21 -4.54
N ALA A 401 8.18 -21.08 -5.06
CA ALA A 401 9.11 -21.11 -6.21
C ALA A 401 10.38 -21.91 -5.92
N LEU A 402 10.96 -21.76 -4.73
CA LEU A 402 12.17 -22.46 -4.31
C LEU A 402 11.90 -24.00 -4.28
N MET A 403 10.86 -24.42 -3.57
CA MET A 403 10.48 -25.83 -3.42
C MET A 403 10.27 -26.53 -4.73
N GLU A 404 9.45 -25.92 -5.61
CA GLU A 404 9.09 -26.47 -6.92
C GLU A 404 10.24 -26.48 -7.91
N ASN A 405 11.03 -25.39 -7.97
CA ASN A 405 12.19 -25.28 -8.87
C ASN A 405 13.39 -26.11 -8.45
N TYR A 406 13.56 -26.34 -7.12
CA TYR A 406 14.70 -27.07 -6.56
C TYR A 406 14.39 -28.50 -6.08
N GLN A 407 13.19 -29.00 -6.38
CA GLN A 407 12.80 -30.37 -5.98
C GLN A 407 13.65 -31.43 -6.70
N GLN A 408 13.98 -32.51 -5.99
CA GLN A 408 14.74 -33.67 -6.50
C GLN A 408 13.73 -34.79 -6.80
N ALA A 409 14.15 -35.82 -7.57
CA ALA A 409 13.28 -36.97 -7.93
C ALA A 409 12.58 -37.64 -6.75
N ASP A 410 13.25 -37.72 -5.58
CA ASP A 410 12.72 -38.33 -4.35
C ASP A 410 11.97 -37.34 -3.41
N GLY A 411 11.74 -36.10 -3.85
CA GLY A 411 11.04 -35.11 -3.05
C GLY A 411 11.92 -34.21 -2.21
N ARG A 412 13.23 -34.52 -2.11
CA ARG A 412 14.18 -33.68 -1.39
C ARG A 412 14.26 -32.31 -2.03
N ILE A 413 14.52 -31.28 -1.22
CA ILE A 413 14.61 -29.92 -1.73
C ILE A 413 16.06 -29.49 -1.66
N GLU A 414 16.65 -29.15 -2.82
CA GLU A 414 18.00 -28.64 -2.83
C GLU A 414 17.97 -27.20 -2.27
N ILE A 415 18.92 -26.89 -1.38
CA ILE A 415 19.00 -25.52 -0.84
C ILE A 415 19.81 -24.64 -1.79
N PRO A 416 19.22 -23.53 -2.33
CA PRO A 416 19.99 -22.61 -3.20
C PRO A 416 21.29 -22.21 -2.51
N GLU A 417 22.41 -22.20 -3.26
CA GLU A 417 23.75 -21.84 -2.76
C GLU A 417 23.80 -20.60 -1.85
N VAL A 418 23.11 -19.47 -2.23
CA VAL A 418 23.11 -18.22 -1.42
C VAL A 418 22.43 -18.40 -0.06
N LEU A 419 21.55 -19.41 0.09
CA LEU A 419 20.86 -19.64 1.35
C LEU A 419 21.58 -20.60 2.26
N ARG A 420 22.53 -21.40 1.74
CA ARG A 420 23.28 -22.38 2.54
C ARG A 420 23.96 -21.72 3.76
N PRO A 421 24.62 -20.51 3.68
CA PRO A 421 25.12 -19.87 4.91
C PRO A 421 24.03 -19.56 5.97
N TYR A 422 22.77 -19.39 5.53
CA TYR A 422 21.60 -19.13 6.40
C TYR A 422 20.99 -20.41 6.95
N MET A 423 21.48 -21.57 6.48
CA MET A 423 21.00 -22.90 6.89
C MET A 423 22.18 -23.75 7.44
N ARG A 424 23.20 -23.11 8.03
CA ARG A 424 24.42 -23.76 8.57
C ARG A 424 25.16 -24.65 7.52
N GLY A 425 25.13 -24.23 6.25
CA GLY A 425 25.73 -24.95 5.13
C GLY A 425 24.95 -26.16 4.63
N LEU A 426 23.73 -26.41 5.13
CA LEU A 426 22.89 -27.56 4.75
C LEU A 426 22.65 -27.54 3.23
N GLU A 427 22.82 -28.70 2.56
CA GLU A 427 22.73 -28.77 1.09
C GLU A 427 21.35 -29.16 0.59
N TYR A 428 20.63 -29.98 1.36
CA TYR A 428 19.31 -30.50 1.01
C TYR A 428 18.45 -30.57 2.23
N ILE A 429 17.14 -30.41 2.05
CA ILE A 429 16.16 -30.69 3.08
C ILE A 429 15.73 -32.13 2.77
N GLY A 430 15.90 -33.02 3.75
CA GLY A 430 15.56 -34.45 3.61
C GLY A 430 16.79 -35.32 3.25
#